data_3STP
#
_entry.id   3STP
#
_cell.length_a   135.244
_cell.length_b   135.244
_cell.length_c   116.734
_cell.angle_alpha   90.00
_cell.angle_beta   90.00
_cell.angle_gamma   90.00
#
_symmetry.space_group_name_H-M   'I 4 2 2'
#
loop_
_entity.id
_entity.type
_entity.pdbx_description
1 polymer 'Galactonate dehydratase, putative'
2 non-polymer 'MAGNESIUM ION'
3 water water
#
_entity_poly.entity_id   1
_entity_poly.type   'polypeptide(L)'
_entity_poly.pdbx_seq_one_letter_code
;MHHHHHHSSGVDLGTENLYFQSMKIKSVRTRVWTWKGPTVPPQGNFCTNASDALWMKGDAMSSFRFHQWLTCEVETEDGT
IGIGNAALAPSVVKKVIDDWYAPLVIGEDPFDYAYIWEKMYRRSHAWGRKGIGMTAISAIDIAIWDLMGKLVGKPVFKLL
GGRTKDRIPVYYSKLYAGSIEAMQKEAEEAMKGGYKAFKSRFGYGPKDGMPGMRENLKRVEAVREVIGYDNDLMLECYMG
WNLDYAKRMLPKLAPYEPRWLEEPVIADDVAGYAELNAMNIVPISGGEHEFSVIGCAELINRKAVSVLQYDTNRVGGITA
AQKINAIAEAAQIPVIPHAGQMHNYHLTMANTNCPISEYFPVFDVEVGNELFYYIFEGDPEAVDGYLQLDDDLPGLGIAI
SDKHLQHFDITE
;
_entity_poly.pdbx_strand_id   A
#
# COMPACT_ATOMS: atom_id res chain seq x y z
N MET A 23 -21.31 -1.79 -25.03
CA MET A 23 -21.46 -1.17 -23.68
C MET A 23 -20.34 -0.17 -23.45
N LYS A 24 -20.70 1.09 -23.26
CA LYS A 24 -19.71 2.15 -23.04
C LYS A 24 -19.83 2.77 -21.66
N ILE A 25 -18.76 3.41 -21.21
CA ILE A 25 -18.74 4.08 -19.92
C ILE A 25 -19.56 5.36 -20.05
N LYS A 26 -20.44 5.60 -19.09
CA LYS A 26 -21.30 6.78 -19.11
C LYS A 26 -20.85 7.90 -18.18
N SER A 27 -20.29 7.54 -17.04
CA SER A 27 -19.87 8.56 -16.09
C SER A 27 -18.79 8.11 -15.13
N VAL A 28 -18.16 9.09 -14.49
CA VAL A 28 -17.11 8.86 -13.51
C VAL A 28 -17.45 9.75 -12.31
N ARG A 29 -17.83 9.11 -11.21
CA ARG A 29 -18.21 9.83 -9.99
C ARG A 29 -17.12 9.74 -8.94
N THR A 30 -16.51 10.88 -8.63
CA THR A 30 -15.44 10.91 -7.66
C THR A 30 -15.82 11.70 -6.41
N ARG A 31 -15.60 11.09 -5.25
CA ARG A 31 -15.93 11.71 -3.97
C ARG A 31 -14.78 11.60 -2.98
N VAL A 32 -14.65 12.62 -2.14
CA VAL A 32 -13.62 12.63 -1.11
C VAL A 32 -14.32 12.48 0.23
N TRP A 33 -13.89 11.47 0.99
CA TRP A 33 -14.47 11.18 2.29
C TRP A 33 -13.53 11.67 3.37
N THR A 34 -13.99 12.61 4.19
CA THR A 34 -13.16 13.14 5.26
C THR A 34 -13.68 12.67 6.61
N TRP A 35 -12.82 11.96 7.34
CA TRP A 35 -13.18 11.43 8.65
C TRP A 35 -13.34 12.57 9.66
N LYS A 36 -14.43 12.54 10.41
CA LYS A 36 -14.68 13.55 11.43
C LYS A 36 -15.03 12.89 12.76
N GLY A 37 -14.76 11.59 12.84
CA GLY A 37 -15.05 10.87 14.07
C GLY A 37 -13.85 10.91 14.99
N PRO A 38 -13.90 10.17 16.12
CA PRO A 38 -12.75 10.19 17.04
C PRO A 38 -11.52 9.54 16.41
N THR A 39 -10.34 9.92 16.88
CA THR A 39 -9.10 9.37 16.37
C THR A 39 -8.14 9.15 17.53
N VAL A 40 -7.11 8.34 17.28
CA VAL A 40 -6.10 8.06 18.29
C VAL A 40 -5.12 9.22 18.31
N PRO A 41 -4.99 9.91 19.45
CA PRO A 41 -4.07 11.05 19.56
C PRO A 41 -2.63 10.71 19.17
N PRO A 42 -1.98 11.61 18.41
CA PRO A 42 -0.60 11.41 17.96
C PRO A 42 0.36 11.32 19.15
N GLN A 43 1.43 10.54 18.97
CA GLN A 43 2.46 10.38 19.99
C GLN A 43 3.82 10.56 19.31
N GLY A 44 4.83 10.96 20.07
CA GLY A 44 6.15 11.16 19.49
C GLY A 44 6.91 9.85 19.37
N ASN A 45 7.96 9.85 18.54
CA ASN A 45 8.77 8.65 18.31
C ASN A 45 7.85 7.45 18.11
N PHE A 46 6.93 7.62 17.17
CA PHE A 46 5.89 6.65 16.83
C PHE A 46 6.24 5.98 15.50
N CYS A 47 6.60 6.78 14.51
CA CYS A 47 6.95 6.28 13.19
C CYS A 47 7.88 7.26 12.50
N THR A 48 9.07 6.80 12.15
CA THR A 48 10.01 7.66 11.45
C THR A 48 9.39 8.01 10.10
N ASN A 49 9.74 9.17 9.57
CA ASN A 49 9.17 9.60 8.30
C ASN A 49 10.05 10.65 7.63
N ALA A 50 9.74 10.96 6.38
CA ALA A 50 10.52 11.92 5.62
C ALA A 50 10.60 13.32 6.22
N SER A 51 9.65 13.69 7.07
CA SER A 51 9.69 15.02 7.64
C SER A 51 10.57 15.13 8.90
N ASP A 52 11.04 14.00 9.41
CA ASP A 52 11.88 14.03 10.60
C ASP A 52 13.12 14.89 10.43
N ALA A 53 13.65 14.94 9.22
CA ALA A 53 14.85 15.71 8.92
C ALA A 53 14.67 17.21 9.12
N LEU A 54 13.42 17.67 9.17
CA LEU A 54 13.13 19.08 9.38
C LEU A 54 13.13 19.31 10.88
N TRP A 55 12.71 20.50 11.33
CA TRP A 55 12.64 20.76 12.76
C TRP A 55 11.30 21.40 13.07
N MET A 56 10.25 20.92 12.40
CA MET A 56 8.90 21.41 12.59
C MET A 56 8.31 20.90 13.90
N LYS A 57 7.41 21.69 14.49
CA LYS A 57 6.76 21.32 15.74
C LYS A 57 5.52 20.49 15.45
N GLY A 58 5.01 19.82 16.48
CA GLY A 58 3.81 19.01 16.31
C GLY A 58 4.03 17.57 15.90
N ASP A 59 2.95 16.93 15.47
CA ASP A 59 2.98 15.54 15.04
C ASP A 59 3.76 15.36 13.73
N ALA A 60 4.87 14.64 13.81
CA ALA A 60 5.72 14.41 12.63
C ALA A 60 5.03 13.65 11.51
N MET A 61 3.98 12.89 11.85
CA MET A 61 3.24 12.11 10.85
C MET A 61 2.07 12.89 10.27
N SER A 62 1.88 14.12 10.72
CA SER A 62 0.77 14.96 10.27
C SER A 62 0.47 14.94 8.77
N SER A 63 1.47 15.21 7.95
CA SER A 63 1.28 15.26 6.50
C SER A 63 1.21 13.90 5.83
N PHE A 64 1.36 12.83 6.60
CA PHE A 64 1.35 11.48 6.04
C PHE A 64 0.12 10.63 6.40
N ARG A 65 -0.61 11.04 7.44
CA ARG A 65 -1.79 10.32 7.86
C ARG A 65 -2.90 10.34 6.81
N PHE A 66 -3.73 9.29 6.80
CA PHE A 66 -4.81 9.20 5.86
C PHE A 66 -6.15 9.31 6.58
N HIS A 67 -6.59 10.54 6.81
CA HIS A 67 -7.87 10.76 7.47
C HIS A 67 -8.90 11.19 6.44
N GLN A 68 -8.55 10.96 5.18
CA GLN A 68 -9.40 11.24 4.02
C GLN A 68 -9.18 10.10 3.05
N TRP A 69 -10.16 9.85 2.20
CA TRP A 69 -10.02 8.79 1.21
C TRP A 69 -10.86 9.18 0.01
N LEU A 70 -10.54 8.62 -1.14
CA LEU A 70 -11.27 8.92 -2.35
C LEU A 70 -11.91 7.69 -2.97
N THR A 71 -13.15 7.83 -3.40
CA THR A 71 -13.86 6.75 -4.05
C THR A 71 -14.09 7.22 -5.48
N CYS A 72 -13.93 6.31 -6.43
CA CYS A 72 -14.12 6.63 -7.83
C CYS A 72 -15.02 5.58 -8.43
N GLU A 73 -16.21 5.99 -8.84
CA GLU A 73 -17.19 5.08 -9.42
C GLU A 73 -17.37 5.30 -10.91
N VAL A 74 -17.04 4.28 -11.70
CA VAL A 74 -17.17 4.35 -13.14
C VAL A 74 -18.40 3.53 -13.52
N GLU A 75 -19.39 4.20 -14.10
CA GLU A 75 -20.64 3.55 -14.47
C GLU A 75 -20.84 3.48 -15.98
N THR A 76 -21.37 2.35 -16.45
CA THR A 76 -21.63 2.17 -17.86
C THR A 76 -23.08 2.53 -18.13
N GLU A 77 -23.45 2.59 -19.40
CA GLU A 77 -24.82 2.94 -19.78
C GLU A 77 -25.89 2.06 -19.15
N ASP A 78 -25.58 0.78 -18.91
CA ASP A 78 -26.57 -0.13 -18.33
C ASP A 78 -26.65 -0.06 -16.81
N GLY A 79 -25.93 0.88 -16.20
CA GLY A 79 -25.98 1.03 -14.76
C GLY A 79 -24.96 0.26 -13.95
N THR A 80 -24.16 -0.58 -14.60
CA THR A 80 -23.15 -1.34 -13.87
C THR A 80 -22.13 -0.34 -13.34
N ILE A 81 -21.67 -0.53 -12.11
CA ILE A 81 -20.71 0.38 -11.51
C ILE A 81 -19.45 -0.31 -10.98
N GLY A 82 -18.30 0.24 -11.37
CA GLY A 82 -17.04 -0.30 -10.89
C GLY A 82 -16.54 0.65 -9.82
N ILE A 83 -15.93 0.11 -8.77
CA ILE A 83 -15.44 0.94 -7.67
C ILE A 83 -13.93 0.99 -7.52
N GLY A 84 -13.37 2.18 -7.66
CA GLY A 84 -11.94 2.37 -7.50
C GLY A 84 -11.70 3.27 -6.30
N ASN A 85 -10.44 3.46 -5.92
CA ASN A 85 -10.14 4.30 -4.76
C ASN A 85 -8.71 4.80 -4.75
N ALA A 86 -8.43 5.77 -3.88
CA ALA A 86 -7.10 6.34 -3.72
C ALA A 86 -7.02 7.05 -2.38
N ALA A 87 -5.82 7.11 -1.80
CA ALA A 87 -5.63 7.75 -0.50
C ALA A 87 -4.70 8.97 -0.51
N LEU A 88 -3.81 9.05 -1.50
CA LEU A 88 -2.89 10.18 -1.58
C LEU A 88 -3.58 11.46 -2.03
N ALA A 89 -3.31 12.57 -1.34
CA ALA A 89 -3.89 13.88 -1.65
C ALA A 89 -5.23 13.79 -2.36
N PRO A 90 -6.25 13.21 -1.69
CA PRO A 90 -7.61 13.02 -2.22
C PRO A 90 -8.27 14.17 -2.98
N SER A 91 -8.30 15.37 -2.41
CA SER A 91 -8.95 16.49 -3.09
C SER A 91 -8.28 16.88 -4.41
N VAL A 92 -6.96 16.80 -4.46
CA VAL A 92 -6.23 17.14 -5.68
C VAL A 92 -6.41 16.05 -6.72
N VAL A 93 -6.31 14.79 -6.29
CA VAL A 93 -6.49 13.66 -7.19
C VAL A 93 -7.89 13.72 -7.80
N LYS A 94 -8.88 14.10 -6.99
CA LYS A 94 -10.26 14.20 -7.47
C LYS A 94 -10.36 15.24 -8.57
N LYS A 95 -9.70 16.38 -8.38
CA LYS A 95 -9.75 17.44 -9.39
C LYS A 95 -9.16 16.97 -10.72
N VAL A 96 -8.08 16.20 -10.65
CA VAL A 96 -7.45 15.68 -11.85
C VAL A 96 -8.39 14.72 -12.58
N ILE A 97 -9.04 13.85 -11.81
CA ILE A 97 -9.99 12.90 -12.39
C ILE A 97 -11.16 13.63 -13.04
N ASP A 98 -11.78 14.55 -12.30
CA ASP A 98 -12.92 15.30 -12.82
C ASP A 98 -12.60 16.17 -14.04
N ASP A 99 -11.52 16.94 -13.96
CA ASP A 99 -11.15 17.86 -15.05
C ASP A 99 -10.34 17.28 -16.21
N TRP A 100 -9.41 16.37 -15.93
CA TRP A 100 -8.56 15.82 -16.97
C TRP A 100 -8.82 14.41 -17.49
N TYR A 101 -8.94 13.45 -16.58
CA TYR A 101 -9.12 12.07 -17.00
C TYR A 101 -10.52 11.58 -17.35
N ALA A 102 -11.54 12.06 -16.65
CA ALA A 102 -12.91 11.64 -16.93
C ALA A 102 -13.26 11.73 -18.41
N PRO A 103 -12.91 12.85 -19.06
CA PRO A 103 -13.21 13.01 -20.50
C PRO A 103 -12.52 11.99 -21.40
N LEU A 104 -11.40 11.44 -20.93
CA LEU A 104 -10.65 10.46 -21.71
C LEU A 104 -11.20 9.05 -21.49
N VAL A 105 -12.04 8.92 -20.47
CA VAL A 105 -12.62 7.63 -20.12
C VAL A 105 -14.07 7.47 -20.58
N ILE A 106 -14.87 8.51 -20.39
CA ILE A 106 -16.27 8.48 -20.77
C ILE A 106 -16.44 8.21 -22.27
N GLY A 107 -17.38 7.33 -22.61
CA GLY A 107 -17.64 7.00 -24.00
C GLY A 107 -16.84 5.82 -24.49
N GLU A 108 -15.93 5.32 -23.67
CA GLU A 108 -15.08 4.20 -24.05
C GLU A 108 -15.57 2.84 -23.52
N ASP A 109 -15.13 1.77 -24.18
CA ASP A 109 -15.47 0.41 -23.79
C ASP A 109 -14.51 0.05 -22.65
N PRO A 110 -15.04 -0.38 -21.50
CA PRO A 110 -14.17 -0.74 -20.37
C PRO A 110 -13.11 -1.75 -20.77
N PHE A 111 -13.42 -2.60 -21.75
CA PHE A 111 -12.48 -3.62 -22.18
C PHE A 111 -11.38 -3.13 -23.11
N ASP A 112 -11.26 -1.81 -23.23
CA ASP A 112 -10.18 -1.21 -23.99
C ASP A 112 -9.31 -0.57 -22.90
N TYR A 113 -9.35 -1.19 -21.72
CA TYR A 113 -8.63 -0.69 -20.55
C TYR A 113 -7.17 -0.33 -20.75
N ALA A 114 -6.44 -1.11 -21.54
CA ALA A 114 -5.02 -0.83 -21.77
C ALA A 114 -4.88 0.44 -22.59
N TYR A 115 -5.80 0.64 -23.54
CA TYR A 115 -5.75 1.84 -24.36
C TYR A 115 -6.19 3.04 -23.54
N ILE A 116 -7.22 2.86 -22.72
CA ILE A 116 -7.70 3.94 -21.87
C ILE A 116 -6.55 4.38 -20.96
N TRP A 117 -5.83 3.40 -20.41
CA TRP A 117 -4.72 3.68 -19.53
C TRP A 117 -3.66 4.48 -20.27
N GLU A 118 -3.33 4.04 -21.48
CA GLU A 118 -2.33 4.70 -22.30
C GLU A 118 -2.72 6.14 -22.65
N LYS A 119 -4.02 6.36 -22.90
CA LYS A 119 -4.50 7.71 -23.22
C LYS A 119 -4.19 8.66 -22.06
N MET A 120 -4.53 8.24 -20.85
CA MET A 120 -4.27 9.08 -19.67
C MET A 120 -2.78 9.30 -19.46
N TYR A 121 -2.02 8.22 -19.52
CA TYR A 121 -0.57 8.25 -19.32
C TYR A 121 0.19 9.16 -20.29
N ARG A 122 -0.16 9.09 -21.57
CA ARG A 122 0.50 9.90 -22.59
C ARG A 122 0.00 11.33 -22.72
N ARG A 123 -1.32 11.52 -22.67
CA ARG A 123 -1.88 12.86 -22.79
C ARG A 123 -1.40 13.75 -21.65
N SER A 124 -1.22 13.17 -20.47
CA SER A 124 -0.79 13.94 -19.30
C SER A 124 0.66 13.65 -18.89
N HIS A 125 1.43 13.03 -19.78
CA HIS A 125 2.80 12.67 -19.45
C HIS A 125 3.69 13.79 -18.94
N ALA A 126 3.47 15.01 -19.42
CA ALA A 126 4.28 16.14 -19.00
C ALA A 126 4.23 16.41 -17.50
N TRP A 127 3.09 16.13 -16.87
CA TRP A 127 2.93 16.40 -15.45
C TRP A 127 2.39 15.27 -14.58
N GLY A 128 1.88 14.20 -15.18
CA GLY A 128 1.32 13.14 -14.36
C GLY A 128 1.97 11.77 -14.28
N ARG A 129 3.14 11.59 -14.89
CA ARG A 129 3.78 10.27 -14.87
C ARG A 129 4.08 9.70 -13.48
N LYS A 130 4.13 10.57 -12.48
CA LYS A 130 4.34 10.16 -11.09
C LYS A 130 3.54 11.10 -10.19
N GLY A 131 3.24 10.64 -8.97
CA GLY A 131 2.51 11.48 -8.04
C GLY A 131 1.01 11.61 -8.24
N ILE A 132 0.51 12.83 -8.19
CA ILE A 132 -0.91 13.11 -8.33
C ILE A 132 -1.53 12.48 -9.58
N GLY A 133 -0.90 12.74 -10.73
CA GLY A 133 -1.43 12.20 -11.97
C GLY A 133 -1.60 10.70 -11.99
N MET A 134 -0.54 9.96 -11.66
CA MET A 134 -0.60 8.51 -11.67
C MET A 134 -1.55 7.96 -10.62
N THR A 135 -1.73 8.70 -9.52
CA THR A 135 -2.65 8.26 -8.48
C THR A 135 -4.08 8.33 -9.01
N ALA A 136 -4.38 9.41 -9.74
CA ALA A 136 -5.70 9.58 -10.33
C ALA A 136 -5.96 8.47 -11.35
N ILE A 137 -4.93 8.15 -12.14
CA ILE A 137 -5.07 7.08 -13.13
C ILE A 137 -5.37 5.78 -12.39
N SER A 138 -4.71 5.58 -11.26
CA SER A 138 -4.90 4.38 -10.45
C SER A 138 -6.35 4.18 -10.01
N ALA A 139 -6.94 5.21 -9.43
CA ALA A 139 -8.32 5.12 -8.96
C ALA A 139 -9.29 4.77 -10.09
N ILE A 140 -9.10 5.39 -11.24
CA ILE A 140 -9.95 5.14 -12.40
C ILE A 140 -9.77 3.72 -12.92
N ASP A 141 -8.51 3.33 -13.08
CA ASP A 141 -8.19 2.00 -13.60
C ASP A 141 -8.73 0.87 -12.73
N ILE A 142 -8.57 1.00 -11.41
CA ILE A 142 -9.09 -0.01 -10.50
C ILE A 142 -10.59 -0.14 -10.69
N ALA A 143 -11.26 1.00 -10.82
CA ALA A 143 -12.71 1.02 -11.03
C ALA A 143 -13.07 0.30 -12.32
N ILE A 144 -12.31 0.55 -13.37
CA ILE A 144 -12.56 -0.08 -14.66
C ILE A 144 -12.43 -1.60 -14.58
N TRP A 145 -11.49 -2.08 -13.77
CA TRP A 145 -11.33 -3.53 -13.62
C TRP A 145 -12.49 -4.14 -12.84
N ASP A 146 -12.92 -3.47 -11.78
CA ASP A 146 -14.05 -3.96 -10.99
C ASP A 146 -15.24 -4.03 -11.95
N LEU A 147 -15.36 -3.01 -12.80
CA LEU A 147 -16.44 -2.92 -13.78
C LEU A 147 -16.37 -4.08 -14.78
N MET A 148 -15.19 -4.34 -15.32
CA MET A 148 -15.04 -5.45 -16.27
C MET A 148 -15.43 -6.77 -15.62
N GLY A 149 -14.99 -6.98 -14.40
CA GLY A 149 -15.31 -8.22 -13.71
C GLY A 149 -16.82 -8.37 -13.58
N LYS A 150 -17.49 -7.30 -13.21
CA LYS A 150 -18.95 -7.34 -13.07
C LYS A 150 -19.63 -7.55 -14.42
N LEU A 151 -19.13 -6.88 -15.46
CA LEU A 151 -19.72 -7.01 -16.79
C LEU A 151 -19.70 -8.43 -17.35
N VAL A 152 -18.66 -9.21 -17.04
CA VAL A 152 -18.59 -10.58 -17.53
C VAL A 152 -18.80 -11.62 -16.43
N GLY A 153 -19.20 -11.15 -15.25
CA GLY A 153 -19.45 -12.05 -14.13
C GLY A 153 -18.26 -12.84 -13.63
N LYS A 154 -17.09 -12.20 -13.57
CA LYS A 154 -15.88 -12.87 -13.11
C LYS A 154 -15.17 -12.07 -12.04
N PRO A 155 -14.56 -12.75 -11.05
CA PRO A 155 -13.82 -12.03 -10.01
C PRO A 155 -12.62 -11.44 -10.75
N VAL A 156 -12.12 -10.29 -10.29
CA VAL A 156 -10.97 -9.69 -10.96
C VAL A 156 -9.78 -10.64 -11.03
N PHE A 157 -9.51 -11.37 -9.95
CA PHE A 157 -8.36 -12.26 -9.94
C PHE A 157 -8.44 -13.36 -10.99
N LYS A 158 -9.66 -13.76 -11.36
CA LYS A 158 -9.82 -14.78 -12.40
C LYS A 158 -9.38 -14.21 -13.74
N LEU A 159 -9.79 -12.97 -14.01
CA LEU A 159 -9.42 -12.31 -15.26
C LEU A 159 -7.90 -12.11 -15.35
N LEU A 160 -7.26 -12.02 -14.19
CA LEU A 160 -5.82 -11.82 -14.10
C LEU A 160 -4.98 -13.09 -14.14
N GLY A 161 -5.63 -14.25 -14.05
CA GLY A 161 -4.88 -15.49 -14.07
C GLY A 161 -5.47 -16.59 -13.20
N GLY A 162 -6.30 -16.22 -12.24
CA GLY A 162 -6.91 -17.22 -11.40
C GLY A 162 -6.22 -17.52 -10.08
N ARG A 163 -6.59 -18.67 -9.50
CA ARG A 163 -6.07 -19.09 -8.20
C ARG A 163 -4.73 -19.80 -8.19
N THR A 164 -3.67 -19.06 -7.84
CA THR A 164 -2.33 -19.64 -7.76
C THR A 164 -2.01 -20.06 -6.34
N LYS A 165 -2.91 -19.75 -5.41
CA LYS A 165 -2.73 -20.09 -3.99
C LYS A 165 -4.05 -20.56 -3.39
N ASP A 166 -4.00 -21.56 -2.51
CA ASP A 166 -5.22 -22.07 -1.89
C ASP A 166 -5.80 -21.02 -0.95
N ARG A 167 -4.92 -20.18 -0.42
CA ARG A 167 -5.30 -19.08 0.46
C ARG A 167 -4.12 -18.13 0.51
N ILE A 168 -4.38 -16.86 0.81
CA ILE A 168 -3.32 -15.86 0.85
C ILE A 168 -2.77 -15.60 2.25
N PRO A 169 -1.48 -15.94 2.46
CA PRO A 169 -0.89 -15.69 3.78
C PRO A 169 -0.73 -14.19 3.93
N VAL A 170 -0.75 -13.69 5.17
CA VAL A 170 -0.57 -12.26 5.37
C VAL A 170 0.34 -12.02 6.57
N TYR A 171 0.99 -10.86 6.59
CA TYR A 171 1.82 -10.50 7.71
C TYR A 171 1.10 -9.37 8.45
N TYR A 172 1.11 -9.44 9.77
CA TYR A 172 0.47 -8.43 10.62
C TYR A 172 1.27 -7.14 10.49
N SER A 173 0.63 -6.08 10.05
CA SER A 173 1.34 -4.82 9.86
C SER A 173 0.86 -3.67 10.75
N LYS A 174 1.60 -3.42 11.82
CA LYS A 174 1.29 -2.33 12.74
C LYS A 174 2.51 -2.19 13.64
N LEU A 175 2.35 -2.46 14.94
CA LEU A 175 3.48 -2.37 15.88
C LEU A 175 4.32 -1.11 15.74
N TYR A 176 3.67 0.04 15.92
CA TYR A 176 4.38 1.31 15.85
C TYR A 176 5.26 1.40 17.09
N ALA A 177 6.27 2.26 17.04
CA ALA A 177 7.18 2.41 18.17
C ALA A 177 6.51 3.07 19.37
N GLY A 178 6.88 2.62 20.56
CA GLY A 178 6.34 3.16 21.79
C GLY A 178 7.13 2.61 22.95
N SER A 179 6.54 2.59 24.14
CA SER A 179 7.23 2.04 25.30
C SER A 179 7.40 0.55 25.04
N ILE A 180 8.43 -0.04 25.65
CA ILE A 180 8.67 -1.47 25.48
C ILE A 180 7.43 -2.25 25.92
N GLU A 181 6.82 -1.82 27.03
CA GLU A 181 5.64 -2.49 27.55
C GLU A 181 4.50 -2.49 26.54
N ALA A 182 4.22 -1.33 25.94
CA ALA A 182 3.14 -1.22 24.98
C ALA A 182 3.39 -2.07 23.72
N MET A 183 4.63 -2.03 23.22
CA MET A 183 4.97 -2.79 22.03
C MET A 183 4.88 -4.30 22.26
N GLN A 184 5.33 -4.75 23.42
CA GLN A 184 5.28 -6.18 23.71
C GLN A 184 3.84 -6.60 23.94
N LYS A 185 3.04 -5.71 24.50
CA LYS A 185 1.63 -6.01 24.74
C LYS A 185 0.94 -6.20 23.39
N GLU A 186 1.24 -5.34 22.43
CA GLU A 186 0.62 -5.46 21.11
C GLU A 186 1.10 -6.73 20.40
N ALA A 187 2.38 -7.03 20.53
CA ALA A 187 2.95 -8.22 19.91
C ALA A 187 2.27 -9.48 20.45
N GLU A 188 2.00 -9.50 21.75
CA GLU A 188 1.34 -10.66 22.37
C GLU A 188 -0.04 -10.82 21.77
N GLU A 189 -0.75 -9.71 21.61
CA GLU A 189 -2.10 -9.73 21.04
C GLU A 189 -2.05 -10.17 19.59
N ALA A 190 -1.09 -9.62 18.84
CA ALA A 190 -0.94 -9.96 17.43
C ALA A 190 -0.68 -11.46 17.25
N MET A 191 0.13 -12.02 18.14
CA MET A 191 0.46 -13.45 18.08
C MET A 191 -0.78 -14.33 18.14
N LYS A 192 -1.80 -13.86 18.85
CA LYS A 192 -3.03 -14.62 18.97
C LYS A 192 -3.74 -14.77 17.62
N GLY A 193 -3.36 -13.93 16.67
CA GLY A 193 -3.95 -13.98 15.35
C GLY A 193 -3.43 -15.11 14.49
N GLY A 194 -2.34 -15.74 14.92
CA GLY A 194 -1.78 -16.85 14.17
C GLY A 194 -0.80 -16.50 13.06
N TYR A 195 -0.49 -15.22 12.92
CA TYR A 195 0.44 -14.76 11.89
C TYR A 195 1.83 -15.38 12.07
N LYS A 196 2.55 -15.55 10.97
CA LYS A 196 3.91 -16.10 11.00
C LYS A 196 4.88 -15.01 10.57
N ALA A 197 4.39 -13.80 10.46
CA ALA A 197 5.20 -12.65 10.04
C ALA A 197 4.56 -11.38 10.59
N PHE A 198 5.39 -10.46 11.04
CA PHE A 198 4.94 -9.20 11.64
C PHE A 198 5.83 -8.05 11.18
N LYS A 199 5.25 -6.88 10.97
CA LYS A 199 6.07 -5.72 10.59
C LYS A 199 5.90 -4.65 11.67
N SER A 200 7.03 -4.10 12.12
CA SER A 200 7.05 -3.08 13.16
C SER A 200 7.78 -1.83 12.65
N ARG A 201 7.40 -0.67 13.18
CA ARG A 201 7.99 0.62 12.77
C ARG A 201 9.01 1.16 13.76
N PHE A 202 10.00 1.88 13.25
CA PHE A 202 11.02 2.52 14.07
C PHE A 202 10.48 3.87 14.54
N GLY A 203 11.00 4.36 15.66
CA GLY A 203 10.56 5.65 16.16
C GLY A 203 11.72 6.62 16.29
N TYR A 204 12.92 6.20 15.91
CA TYR A 204 14.12 7.03 16.02
C TYR A 204 14.91 7.00 14.72
N GLY A 205 15.53 8.13 14.37
CA GLY A 205 16.28 8.19 13.14
C GLY A 205 17.61 8.93 13.25
N PRO A 206 18.17 9.35 12.10
CA PRO A 206 19.45 10.05 12.00
C PRO A 206 19.71 11.14 13.06
N LYS A 207 18.76 12.04 13.23
CA LYS A 207 18.91 13.14 14.19
C LYS A 207 19.12 12.67 15.63
N ASP A 208 18.66 11.47 15.93
CA ASP A 208 18.80 10.92 17.29
C ASP A 208 20.16 10.29 17.55
N GLY A 209 21.00 10.24 16.53
CA GLY A 209 22.33 9.68 16.67
C GLY A 209 22.41 8.28 17.25
N MET A 210 23.54 7.95 17.87
CA MET A 210 23.74 6.63 18.45
C MET A 210 22.69 6.31 19.52
N PRO A 211 22.34 7.30 20.37
CA PRO A 211 21.33 6.98 21.39
C PRO A 211 20.06 6.47 20.71
N GLY A 212 19.68 7.09 19.60
CA GLY A 212 18.49 6.66 18.88
C GLY A 212 18.68 5.28 18.27
N MET A 213 19.90 4.97 17.85
CA MET A 213 20.16 3.66 17.26
C MET A 213 19.89 2.61 18.32
N ARG A 214 20.32 2.89 19.56
CA ARG A 214 20.11 1.95 20.65
C ARG A 214 18.63 1.85 21.01
N GLU A 215 17.91 2.97 20.93
CA GLU A 215 16.47 2.94 21.22
C GLU A 215 15.79 2.06 20.18
N ASN A 216 16.26 2.14 18.93
CA ASN A 216 15.68 1.34 17.86
C ASN A 216 15.95 -0.15 18.09
N LEU A 217 17.22 -0.48 18.33
CA LEU A 217 17.61 -1.87 18.54
C LEU A 217 16.91 -2.49 19.74
N LYS A 218 16.70 -1.68 20.78
CA LYS A 218 16.03 -2.16 21.99
C LYS A 218 14.60 -2.57 21.68
N ARG A 219 13.97 -1.87 20.76
CA ARG A 219 12.59 -2.17 20.39
C ARG A 219 12.50 -3.32 19.39
N VAL A 220 13.54 -3.51 18.59
CA VAL A 220 13.54 -4.61 17.65
C VAL A 220 13.68 -5.87 18.51
N GLU A 221 14.57 -5.80 19.48
CA GLU A 221 14.80 -6.93 20.38
C GLU A 221 13.55 -7.23 21.20
N ALA A 222 12.87 -6.20 21.67
CA ALA A 222 11.66 -6.36 22.48
C ALA A 222 10.58 -7.11 21.70
N VAL A 223 10.39 -6.76 20.43
CA VAL A 223 9.39 -7.43 19.62
C VAL A 223 9.82 -8.88 19.40
N ARG A 224 11.11 -9.10 19.16
CA ARG A 224 11.64 -10.44 18.95
C ARG A 224 11.42 -11.32 20.17
N GLU A 225 11.52 -10.72 21.34
CA GLU A 225 11.33 -11.45 22.59
C GLU A 225 9.93 -12.06 22.64
N VAL A 226 8.96 -11.38 22.03
CA VAL A 226 7.59 -11.86 22.04
C VAL A 226 7.26 -12.81 20.89
N ILE A 227 7.54 -12.41 19.65
CA ILE A 227 7.21 -13.26 18.51
C ILE A 227 8.23 -14.38 18.29
N GLY A 228 9.39 -14.25 18.92
CA GLY A 228 10.41 -15.27 18.80
C GLY A 228 11.07 -15.32 17.43
N TYR A 229 11.93 -16.32 17.22
CA TYR A 229 12.62 -16.46 15.95
C TYR A 229 12.02 -17.51 15.02
N ASP A 230 10.87 -18.06 15.40
CA ASP A 230 10.21 -19.04 14.57
C ASP A 230 9.26 -18.29 13.63
N ASN A 231 9.18 -16.98 13.83
CA ASN A 231 8.33 -16.11 13.01
C ASN A 231 9.18 -15.06 12.33
N ASP A 232 8.66 -14.48 11.24
CA ASP A 232 9.39 -13.42 10.53
C ASP A 232 9.08 -12.05 11.10
N LEU A 233 10.05 -11.16 11.03
CA LEU A 233 9.90 -9.79 11.51
C LEU A 233 10.40 -8.86 10.42
N MET A 234 9.52 -7.97 9.96
CA MET A 234 9.92 -6.99 8.95
C MET A 234 10.02 -5.64 9.67
N LEU A 235 10.93 -4.78 9.23
CA LEU A 235 11.13 -3.47 9.87
C LEU A 235 10.85 -2.33 8.91
N GLU A 236 10.12 -1.33 9.40
CA GLU A 236 9.68 -0.19 8.61
C GLU A 236 10.29 1.16 9.00
N CYS A 237 10.92 1.83 8.03
CA CYS A 237 11.54 3.15 8.25
C CYS A 237 10.68 4.27 7.69
N TYR A 238 9.81 3.92 6.75
CA TYR A 238 8.91 4.89 6.11
C TYR A 238 9.61 6.17 5.63
N MET A 239 10.73 6.00 4.93
CA MET A 239 11.51 7.11 4.38
C MET A 239 12.08 8.05 5.44
N GLY A 240 12.18 7.57 6.68
CA GLY A 240 12.68 8.39 7.77
C GLY A 240 14.17 8.35 8.06
N TRP A 241 14.90 7.49 7.36
CA TRP A 241 16.35 7.42 7.56
C TRP A 241 17.01 7.96 6.29
N ASN A 242 18.32 7.86 6.21
CA ASN A 242 19.02 8.30 5.01
C ASN A 242 20.06 7.23 4.68
N LEU A 243 20.69 7.34 3.52
CA LEU A 243 21.68 6.35 3.10
C LEU A 243 22.78 6.10 4.13
N ASP A 244 23.32 7.17 4.69
CA ASP A 244 24.37 7.09 5.69
C ASP A 244 23.94 6.28 6.91
N TYR A 245 22.91 6.77 7.59
CA TYR A 245 22.38 6.13 8.79
C TYR A 245 21.99 4.67 8.52
N ALA A 246 21.30 4.44 7.41
CA ALA A 246 20.87 3.08 7.06
C ALA A 246 22.05 2.12 6.90
N LYS A 247 23.12 2.55 6.23
CA LYS A 247 24.27 1.68 6.05
C LYS A 247 24.89 1.31 7.39
N ARG A 248 24.91 2.25 8.33
CA ARG A 248 25.47 2.00 9.64
C ARG A 248 24.56 1.15 10.52
N MET A 249 23.26 1.18 10.24
CA MET A 249 22.31 0.38 11.01
C MET A 249 22.24 -1.07 10.56
N LEU A 250 22.44 -1.33 9.26
CA LEU A 250 22.36 -2.69 8.74
C LEU A 250 23.08 -3.76 9.55
N PRO A 251 24.37 -3.55 9.83
CA PRO A 251 25.14 -4.55 10.62
C PRO A 251 24.56 -4.77 12.01
N LYS A 252 23.99 -3.72 12.57
CA LYS A 252 23.41 -3.78 13.91
C LYS A 252 22.06 -4.50 13.92
N LEU A 253 21.36 -4.45 12.79
CA LEU A 253 20.05 -5.08 12.65
C LEU A 253 20.13 -6.56 12.28
N ALA A 254 21.16 -6.92 11.51
CA ALA A 254 21.33 -8.29 11.04
C ALA A 254 21.17 -9.38 12.09
N PRO A 255 21.74 -9.19 13.29
CA PRO A 255 21.59 -10.22 14.33
C PRO A 255 20.15 -10.56 14.68
N TYR A 256 19.24 -9.61 14.44
CA TYR A 256 17.83 -9.81 14.73
C TYR A 256 17.10 -10.50 13.58
N GLU A 257 17.86 -10.83 12.54
CA GLU A 257 17.35 -11.53 11.37
C GLU A 257 16.07 -11.00 10.73
N PRO A 258 15.97 -9.66 10.55
CA PRO A 258 14.74 -9.15 9.93
C PRO A 258 14.62 -9.63 8.49
N ARG A 259 13.39 -9.93 8.06
CA ARG A 259 13.12 -10.41 6.72
C ARG A 259 13.41 -9.32 5.69
N TRP A 260 13.16 -8.06 6.07
CA TRP A 260 13.46 -6.92 5.22
C TRP A 260 13.40 -5.61 5.99
N LEU A 261 14.01 -4.58 5.41
CA LEU A 261 14.05 -3.24 5.98
C LEU A 261 13.35 -2.40 4.91
N GLU A 262 12.22 -1.82 5.28
CA GLU A 262 11.40 -1.05 4.34
C GLU A 262 11.64 0.45 4.26
N GLU A 263 11.72 0.95 3.03
CA GLU A 263 11.94 2.37 2.76
C GLU A 263 12.94 3.07 3.67
N PRO A 264 14.19 2.60 3.68
CA PRO A 264 15.21 3.23 4.53
C PRO A 264 15.56 4.66 4.09
N VAL A 265 15.24 4.99 2.84
CA VAL A 265 15.53 6.33 2.31
C VAL A 265 14.31 6.90 1.60
N ILE A 266 14.35 8.19 1.29
CA ILE A 266 13.25 8.83 0.59
C ILE A 266 13.13 8.21 -0.80
N ALA A 267 11.92 8.20 -1.35
CA ALA A 267 11.65 7.60 -2.64
C ALA A 267 12.52 8.08 -3.81
N ASP A 268 12.93 9.34 -3.80
CA ASP A 268 13.76 9.85 -4.88
C ASP A 268 15.16 9.21 -4.90
N ASP A 269 15.65 8.80 -3.74
CA ASP A 269 17.00 8.22 -3.63
C ASP A 269 17.06 6.76 -4.08
N VAL A 270 16.74 6.51 -5.34
CA VAL A 270 16.78 5.16 -5.89
C VAL A 270 18.21 4.63 -5.87
N ALA A 271 19.17 5.51 -6.14
CA ALA A 271 20.57 5.11 -6.12
C ALA A 271 20.93 4.59 -4.74
N GLY A 272 20.38 5.23 -3.71
CA GLY A 272 20.64 4.81 -2.34
C GLY A 272 20.07 3.44 -2.08
N TYR A 273 18.87 3.19 -2.60
CA TYR A 273 18.21 1.91 -2.46
C TYR A 273 19.13 0.83 -3.03
N ALA A 274 19.59 1.05 -4.25
CA ALA A 274 20.45 0.09 -4.92
C ALA A 274 21.72 -0.18 -4.14
N GLU A 275 22.33 0.87 -3.57
CA GLU A 275 23.55 0.69 -2.81
C GLU A 275 23.30 -0.16 -1.57
N LEU A 276 22.25 0.18 -0.82
CA LEU A 276 21.90 -0.54 0.39
C LEU A 276 21.55 -2.01 0.10
N ASN A 277 20.74 -2.24 -0.92
CA ASN A 277 20.33 -3.60 -1.25
C ASN A 277 21.51 -4.47 -1.68
N ALA A 278 22.45 -3.88 -2.42
CA ALA A 278 23.62 -4.60 -2.89
C ALA A 278 24.57 -5.03 -1.77
N MET A 279 24.42 -4.44 -0.59
CA MET A 279 25.28 -4.78 0.53
C MET A 279 24.97 -6.17 1.07
N ASN A 280 23.76 -6.64 0.79
CA ASN A 280 23.33 -7.96 1.23
C ASN A 280 23.56 -8.22 2.71
N ILE A 281 23.12 -7.28 3.55
CA ILE A 281 23.26 -7.44 5.00
C ILE A 281 21.85 -7.71 5.50
N VAL A 282 20.91 -6.89 5.07
CA VAL A 282 19.49 -7.06 5.40
C VAL A 282 18.75 -6.70 4.11
N PRO A 283 17.83 -7.57 3.67
CA PRO A 283 17.08 -7.29 2.43
C PRO A 283 16.38 -5.95 2.53
N ILE A 284 16.41 -5.18 1.44
CA ILE A 284 15.77 -3.88 1.41
C ILE A 284 14.47 -3.97 0.60
N SER A 285 13.39 -3.42 1.14
CA SER A 285 12.11 -3.44 0.43
C SER A 285 11.66 -2.00 0.18
N GLY A 286 10.78 -1.82 -0.78
CA GLY A 286 10.29 -0.49 -1.08
C GLY A 286 9.42 -0.48 -2.31
N GLY A 287 8.95 0.71 -2.69
CA GLY A 287 8.13 0.82 -3.88
C GLY A 287 6.74 1.37 -3.67
N GLU A 288 6.30 1.49 -2.42
CA GLU A 288 4.97 2.00 -2.17
C GLU A 288 4.85 3.44 -2.65
N HIS A 289 5.99 4.08 -2.84
CA HIS A 289 6.01 5.45 -3.32
C HIS A 289 6.60 5.57 -4.73
N GLU A 290 6.60 4.46 -5.47
CA GLU A 290 7.10 4.51 -6.83
C GLU A 290 5.87 4.48 -7.75
N PHE A 291 6.00 5.07 -8.93
CA PHE A 291 4.89 5.18 -9.87
C PHE A 291 5.18 4.70 -11.29
N SER A 292 4.14 4.20 -11.95
CA SER A 292 4.15 3.69 -13.32
C SER A 292 4.87 2.35 -13.50
N VAL A 293 4.64 1.71 -14.64
CA VAL A 293 5.27 0.42 -14.92
C VAL A 293 6.77 0.60 -15.07
N ILE A 294 7.18 1.57 -15.88
CA ILE A 294 8.60 1.82 -16.07
C ILE A 294 9.24 2.22 -14.73
N GLY A 295 8.50 2.99 -13.94
CA GLY A 295 9.02 3.42 -12.65
C GLY A 295 9.41 2.22 -11.79
N CYS A 296 8.54 1.22 -11.71
CA CYS A 296 8.82 0.03 -10.93
C CYS A 296 9.81 -0.88 -11.64
N ALA A 297 9.76 -0.89 -12.96
CA ALA A 297 10.68 -1.71 -13.74
C ALA A 297 12.11 -1.29 -13.42
N GLU A 298 12.31 0.02 -13.21
CA GLU A 298 13.65 0.53 -12.88
C GLU A 298 14.10 0.01 -11.53
N LEU A 299 13.20 -0.03 -10.55
CA LEU A 299 13.56 -0.53 -9.23
C LEU A 299 13.97 -1.99 -9.36
N ILE A 300 13.26 -2.72 -10.21
CA ILE A 300 13.56 -4.13 -10.43
C ILE A 300 14.88 -4.34 -11.15
N ASN A 301 15.05 -3.67 -12.29
CA ASN A 301 16.27 -3.81 -13.08
C ASN A 301 17.53 -3.33 -12.35
N ARG A 302 17.39 -2.28 -11.55
CA ARG A 302 18.53 -1.73 -10.82
C ARG A 302 18.72 -2.47 -9.49
N LYS A 303 17.87 -3.46 -9.23
CA LYS A 303 17.90 -4.22 -7.99
C LYS A 303 17.91 -3.26 -6.81
N ALA A 304 17.06 -2.25 -6.89
CA ALA A 304 16.94 -1.27 -5.83
C ALA A 304 16.28 -1.91 -4.61
N VAL A 305 15.46 -2.93 -4.85
CA VAL A 305 14.77 -3.63 -3.77
C VAL A 305 14.82 -5.16 -3.90
N SER A 306 14.72 -5.83 -2.76
CA SER A 306 14.70 -7.30 -2.72
C SER A 306 13.24 -7.73 -2.73
N VAL A 307 12.36 -6.80 -2.39
CA VAL A 307 10.91 -7.03 -2.36
C VAL A 307 10.25 -5.73 -2.85
N LEU A 308 9.37 -5.84 -3.84
CA LEU A 308 8.69 -4.68 -4.40
C LEU A 308 7.32 -4.49 -3.75
N GLN A 309 7.03 -3.28 -3.30
CA GLN A 309 5.79 -2.99 -2.59
C GLN A 309 4.94 -1.83 -3.09
N TYR A 310 4.68 -1.77 -4.39
CA TYR A 310 3.84 -0.70 -4.93
C TYR A 310 2.44 -0.90 -4.34
N ASP A 311 1.62 0.15 -4.37
CA ASP A 311 0.24 0.02 -3.92
C ASP A 311 -0.52 0.24 -5.22
N THR A 312 -1.41 -0.68 -5.57
CA THR A 312 -2.14 -0.56 -6.82
C THR A 312 -2.91 0.75 -6.97
N ASN A 313 -3.35 1.34 -5.86
CA ASN A 313 -4.10 2.60 -5.96
C ASN A 313 -3.19 3.83 -5.96
N ARG A 314 -1.94 3.62 -6.37
CA ARG A 314 -0.96 4.70 -6.48
C ARG A 314 -0.11 4.54 -7.73
N VAL A 315 0.37 3.30 -7.93
CA VAL A 315 1.27 2.97 -9.04
C VAL A 315 0.73 3.07 -10.46
N GLY A 316 -0.60 3.06 -10.61
CA GLY A 316 -1.18 3.15 -11.94
C GLY A 316 -2.36 2.22 -12.14
N GLY A 317 -2.81 1.58 -11.07
CA GLY A 317 -3.96 0.70 -11.18
C GLY A 317 -3.62 -0.74 -11.49
N ILE A 318 -4.65 -1.56 -11.61
CA ILE A 318 -4.47 -2.99 -11.89
C ILE A 318 -3.82 -3.27 -13.24
N THR A 319 -4.10 -2.42 -14.23
CA THR A 319 -3.51 -2.60 -15.55
C THR A 319 -1.98 -2.50 -15.45
N ALA A 320 -1.52 -1.50 -14.70
CA ALA A 320 -0.10 -1.28 -14.50
C ALA A 320 0.50 -2.33 -13.57
N ALA A 321 -0.19 -2.61 -12.47
CA ALA A 321 0.28 -3.60 -11.50
C ALA A 321 0.44 -4.98 -12.12
N GLN A 322 -0.47 -5.36 -13.02
CA GLN A 322 -0.38 -6.66 -13.67
C GLN A 322 0.92 -6.74 -14.47
N LYS A 323 1.22 -5.67 -15.21
CA LYS A 323 2.45 -5.63 -15.99
C LYS A 323 3.68 -5.66 -15.10
N ILE A 324 3.64 -4.91 -14.00
CA ILE A 324 4.75 -4.86 -13.07
C ILE A 324 5.00 -6.24 -12.48
N ASN A 325 3.93 -6.97 -12.18
CA ASN A 325 4.06 -8.31 -11.62
C ASN A 325 4.77 -9.25 -12.57
N ALA A 326 4.56 -9.05 -13.87
CA ALA A 326 5.21 -9.90 -14.87
C ALA A 326 6.70 -9.61 -14.85
N ILE A 327 7.06 -8.34 -14.77
CA ILE A 327 8.46 -7.93 -14.75
C ILE A 327 9.16 -8.44 -13.49
N ALA A 328 8.51 -8.28 -12.34
CA ALA A 328 9.10 -8.72 -11.07
C ALA A 328 9.23 -10.24 -11.02
N GLU A 329 8.24 -10.94 -11.56
CA GLU A 329 8.26 -12.39 -11.56
C GLU A 329 9.44 -12.93 -12.37
N ALA A 330 9.68 -12.36 -13.54
CA ALA A 330 10.80 -12.79 -14.38
C ALA A 330 12.13 -12.54 -13.66
N ALA A 331 12.20 -11.46 -12.89
CA ALA A 331 13.41 -11.12 -12.15
C ALA A 331 13.47 -11.87 -10.83
N GLN A 332 12.38 -12.54 -10.49
CA GLN A 332 12.27 -13.30 -9.24
C GLN A 332 12.46 -12.43 -8.01
N ILE A 333 11.90 -11.23 -8.05
CA ILE A 333 11.91 -10.30 -6.93
C ILE A 333 10.46 -10.32 -6.49
N PRO A 334 10.16 -10.88 -5.31
CA PRO A 334 8.79 -10.97 -4.79
C PRO A 334 8.04 -9.64 -4.79
N VAL A 335 6.75 -9.72 -5.11
CA VAL A 335 5.89 -8.55 -5.09
C VAL A 335 4.93 -8.76 -3.92
N ILE A 336 5.00 -7.85 -2.97
CA ILE A 336 4.16 -7.88 -1.78
C ILE A 336 3.64 -6.45 -1.69
N PRO A 337 2.54 -6.16 -2.39
CA PRO A 337 1.92 -4.84 -2.41
C PRO A 337 1.74 -4.17 -1.07
N HIS A 338 1.86 -2.84 -1.08
CA HIS A 338 1.64 -2.06 0.12
C HIS A 338 0.13 -2.00 0.32
N ALA A 339 -0.29 -2.25 1.56
CA ALA A 339 -1.71 -2.21 1.95
C ALA A 339 -2.49 -3.48 1.66
N GLY A 340 -3.39 -3.81 2.59
CA GLY A 340 -4.22 -4.98 2.44
C GLY A 340 -5.63 -4.60 2.04
N GLN A 341 -5.88 -4.57 0.73
CA GLN A 341 -7.20 -4.24 0.21
C GLN A 341 -7.44 -5.08 -1.03
N MET A 342 -8.69 -5.19 -1.44
CA MET A 342 -9.00 -5.98 -2.63
C MET A 342 -8.26 -5.53 -3.88
N HIS A 343 -7.98 -4.22 -4.00
CA HIS A 343 -7.28 -3.79 -5.19
C HIS A 343 -5.88 -4.37 -5.29
N ASN A 344 -5.40 -4.95 -4.20
CA ASN A 344 -4.09 -5.59 -4.19
C ASN A 344 -4.22 -7.11 -4.10
N TYR A 345 -5.14 -7.58 -3.26
CA TYR A 345 -5.33 -9.02 -3.07
C TYR A 345 -5.58 -9.80 -4.36
N HIS A 346 -6.39 -9.27 -5.26
CA HIS A 346 -6.68 -9.96 -6.50
C HIS A 346 -5.44 -10.17 -7.36
N LEU A 347 -4.58 -9.15 -7.41
CA LEU A 347 -3.35 -9.25 -8.18
C LEU A 347 -2.45 -10.32 -7.57
N THR A 348 -2.30 -10.27 -6.26
CA THR A 348 -1.47 -11.23 -5.53
C THR A 348 -1.93 -12.67 -5.75
N MET A 349 -3.24 -12.87 -5.73
CA MET A 349 -3.79 -14.21 -5.92
C MET A 349 -3.44 -14.82 -7.26
N ALA A 350 -3.33 -13.99 -8.30
CA ALA A 350 -3.07 -14.46 -9.66
C ALA A 350 -1.63 -14.63 -10.10
N ASN A 351 -0.67 -14.39 -9.21
CA ASN A 351 0.73 -14.52 -9.60
C ASN A 351 1.54 -15.29 -8.56
N THR A 352 2.24 -16.32 -9.03
CA THR A 352 3.04 -17.18 -8.16
C THR A 352 4.16 -16.42 -7.42
N ASN A 353 4.61 -15.32 -8.00
CA ASN A 353 5.68 -14.53 -7.41
C ASN A 353 5.18 -13.53 -6.35
N CYS A 354 3.90 -13.64 -5.99
CA CYS A 354 3.27 -12.80 -4.97
C CYS A 354 2.89 -13.77 -3.85
N PRO A 355 3.83 -14.06 -2.94
CA PRO A 355 3.69 -14.98 -1.82
C PRO A 355 2.80 -14.63 -0.63
N ILE A 356 2.77 -13.37 -0.24
CA ILE A 356 1.97 -12.94 0.90
C ILE A 356 1.49 -11.50 0.70
N SER A 357 0.52 -11.10 1.51
CA SER A 357 -0.03 -9.74 1.43
C SER A 357 0.17 -9.00 2.75
N GLU A 358 0.19 -7.68 2.68
CA GLU A 358 0.32 -6.88 3.90
C GLU A 358 -1.09 -6.80 4.49
N TYR A 359 -1.20 -6.93 5.80
CA TYR A 359 -2.51 -6.87 6.43
C TYR A 359 -2.60 -5.84 7.55
N PHE A 360 -3.35 -4.78 7.32
CA PHE A 360 -3.57 -3.76 8.33
C PHE A 360 -4.79 -4.26 9.09
N PRO A 361 -4.67 -4.50 10.39
CA PRO A 361 -5.82 -4.99 11.15
C PRO A 361 -6.90 -3.91 11.29
N VAL A 362 -8.15 -4.33 11.43
CA VAL A 362 -9.24 -3.39 11.62
C VAL A 362 -8.87 -2.68 12.92
N PHE A 363 -8.97 -1.36 12.95
CA PHE A 363 -8.58 -0.62 14.13
C PHE A 363 -9.22 0.76 14.15
N ASP A 364 -9.07 1.48 15.26
CA ASP A 364 -9.59 2.84 15.37
C ASP A 364 -8.81 3.66 14.37
N VAL A 365 -9.31 4.83 14.02
CA VAL A 365 -8.61 5.68 13.07
C VAL A 365 -7.39 6.27 13.77
N GLU A 366 -6.23 5.76 13.39
CA GLU A 366 -4.95 6.14 13.95
C GLU A 366 -4.12 6.85 12.88
N VAL A 367 -3.35 6.07 12.11
CA VAL A 367 -2.56 6.66 11.04
C VAL A 367 -3.46 6.82 9.82
N GLY A 368 -4.47 5.96 9.71
CA GLY A 368 -5.40 6.05 8.60
C GLY A 368 -5.35 4.90 7.61
N ASN A 369 -4.37 4.01 7.76
CA ASN A 369 -4.27 2.87 6.86
C ASN A 369 -5.50 1.99 6.96
N GLU A 370 -6.19 2.08 8.10
CA GLU A 370 -7.40 1.29 8.32
C GLU A 370 -8.68 2.03 7.95
N LEU A 371 -8.55 3.26 7.46
CA LEU A 371 -9.72 4.05 7.11
C LEU A 371 -10.64 3.42 6.05
N PHE A 372 -10.06 2.66 5.12
CA PHE A 372 -10.86 2.05 4.07
C PHE A 372 -11.89 1.06 4.62
N TYR A 373 -11.62 0.48 5.79
CA TYR A 373 -12.56 -0.46 6.40
C TYR A 373 -13.89 0.21 6.73
N TYR A 374 -13.84 1.54 6.92
CA TYR A 374 -15.03 2.31 7.26
C TYR A 374 -15.79 2.81 6.04
N ILE A 375 -15.15 2.71 4.88
CA ILE A 375 -15.75 3.19 3.64
C ILE A 375 -16.23 2.07 2.73
N PHE A 376 -15.54 0.94 2.75
CA PHE A 376 -15.91 -0.20 1.92
C PHE A 376 -16.28 -1.43 2.73
N GLU A 377 -17.10 -2.27 2.12
CA GLU A 377 -17.51 -3.53 2.71
C GLU A 377 -17.02 -4.59 1.74
N GLY A 378 -16.47 -5.68 2.26
CA GLY A 378 -16.00 -6.74 1.38
C GLY A 378 -14.55 -7.12 1.53
N ASP A 379 -13.71 -6.21 2.00
CA ASP A 379 -12.29 -6.55 2.17
C ASP A 379 -12.25 -7.65 3.22
N PRO A 380 -11.63 -8.79 2.89
CA PRO A 380 -11.52 -9.92 3.83
C PRO A 380 -10.68 -9.64 5.06
N GLU A 381 -11.05 -10.29 6.16
CA GLU A 381 -10.30 -10.15 7.40
C GLU A 381 -9.52 -11.44 7.60
N ALA A 382 -8.34 -11.32 8.22
CA ALA A 382 -7.47 -12.44 8.44
C ALA A 382 -8.01 -13.48 9.42
N VAL A 383 -7.80 -14.75 9.09
CA VAL A 383 -8.20 -15.87 9.93
C VAL A 383 -6.97 -16.77 10.05
N ASP A 384 -6.42 -16.83 11.26
CA ASP A 384 -5.23 -17.63 11.52
C ASP A 384 -4.08 -17.27 10.58
N GLY A 385 -4.00 -15.99 10.23
CA GLY A 385 -2.93 -15.52 9.36
C GLY A 385 -3.13 -15.67 7.87
N TYR A 386 -4.37 -15.90 7.43
CA TYR A 386 -4.66 -16.06 6.02
C TYR A 386 -5.92 -15.31 5.59
N LEU A 387 -5.97 -14.97 4.31
CA LEU A 387 -7.12 -14.28 3.71
C LEU A 387 -7.61 -15.17 2.57
N GLN A 388 -8.88 -15.02 2.21
CA GLN A 388 -9.43 -15.83 1.13
C GLN A 388 -10.26 -14.97 0.18
N LEU A 389 -10.29 -15.37 -1.09
CA LEU A 389 -11.08 -14.67 -2.09
C LEU A 389 -12.17 -15.62 -2.58
N ASP A 390 -13.30 -15.05 -2.99
CA ASP A 390 -14.45 -15.83 -3.47
C ASP A 390 -14.31 -16.09 -4.97
N ASP A 391 -14.31 -17.36 -5.36
CA ASP A 391 -14.16 -17.74 -6.75
C ASP A 391 -15.32 -17.32 -7.65
N ASP A 392 -16.47 -17.01 -7.06
CA ASP A 392 -17.64 -16.63 -7.85
C ASP A 392 -18.08 -15.17 -7.80
N LEU A 393 -17.63 -14.45 -6.79
CA LEU A 393 -18.01 -13.04 -6.64
C LEU A 393 -17.37 -12.17 -7.73
N PRO A 394 -18.18 -11.60 -8.62
CA PRO A 394 -17.68 -10.74 -9.71
C PRO A 394 -16.94 -9.49 -9.24
N GLY A 395 -16.03 -9.00 -10.07
CA GLY A 395 -15.28 -7.80 -9.75
C GLY A 395 -14.33 -7.95 -8.57
N LEU A 396 -14.15 -6.87 -7.83
CA LEU A 396 -13.25 -6.84 -6.68
C LEU A 396 -13.92 -7.44 -5.45
N GLY A 397 -15.24 -7.54 -5.48
CA GLY A 397 -15.96 -8.10 -4.36
C GLY A 397 -16.16 -7.09 -3.24
N ILE A 398 -16.20 -5.81 -3.59
CA ILE A 398 -16.39 -4.77 -2.58
C ILE A 398 -17.55 -3.85 -2.96
N ALA A 399 -18.07 -3.14 -1.98
CA ALA A 399 -19.15 -2.20 -2.19
C ALA A 399 -18.91 -1.04 -1.25
N ILE A 400 -19.42 0.14 -1.60
CA ILE A 400 -19.26 1.31 -0.74
C ILE A 400 -20.20 1.10 0.45
N SER A 401 -19.67 1.33 1.64
CA SER A 401 -20.44 1.14 2.87
C SER A 401 -21.22 2.35 3.35
N ASP A 402 -22.37 2.10 3.95
CA ASP A 402 -23.20 3.17 4.49
C ASP A 402 -23.24 3.02 6.01
N LYS A 403 -22.35 2.18 6.53
CA LYS A 403 -22.29 1.92 7.97
C LYS A 403 -21.70 3.06 8.79
N HIS A 404 -20.84 3.87 8.19
CA HIS A 404 -20.22 4.97 8.93
C HIS A 404 -20.41 6.35 8.32
N LEU A 405 -21.53 6.56 7.64
CA LEU A 405 -21.78 7.86 7.02
C LEU A 405 -21.75 9.02 8.01
N GLN A 406 -22.17 8.76 9.24
CA GLN A 406 -22.19 9.82 10.25
C GLN A 406 -20.80 10.23 10.72
N HIS A 407 -19.77 9.46 10.33
CA HIS A 407 -18.40 9.77 10.72
C HIS A 407 -17.64 10.44 9.58
N PHE A 408 -18.33 10.74 8.50
CA PHE A 408 -17.68 11.35 7.33
C PHE A 408 -18.37 12.57 6.77
N ASP A 409 -17.55 13.44 6.19
CA ASP A 409 -18.04 14.61 5.47
C ASP A 409 -17.62 14.24 4.06
N ILE A 410 -18.59 13.90 3.23
CA ILE A 410 -18.31 13.50 1.86
C ILE A 410 -18.57 14.63 0.87
N THR A 411 -17.55 14.98 0.11
CA THR A 411 -17.67 16.05 -0.88
C THR A 411 -17.64 15.50 -2.29
N GLU A 412 -18.54 16.00 -3.13
CA GLU A 412 -18.63 15.53 -4.51
C GLU A 412 -18.54 16.70 -5.49
#